data_5I12
#
_entry.id   5I12
#
_cell.length_a   39.560
_cell.length_b   39.560
_cell.length_c   163.550
_cell.angle_alpha   90.00
_cell.angle_beta   90.00
_cell.angle_gamma   120.00
#
_symmetry.space_group_name_H-M   'P 32 2 1'
#
loop_
_entity.id
_entity.type
_entity.pdbx_description
1 polymer 'Matrix metalloproteinase-9,Matrix metalloproteinase-9'
2 non-polymer 'ZINC ION'
3 non-polymer 'CALCIUM ION'
4 non-polymer '(2R)-2-[{(E)-2-[({(2R,3R,4R,5S,6R)-3-(acetylamino)-4,5-bis(acetyloxy)-6-[(acetyloxy)methyl]tetrahydro-2H-pyran-2-yl}carbamothioyl)amino]ethenyl}(biphenyl-4-ylsulfonyl)amino]-3-methylbutanoic acid'
5 non-polymer 1,2-ETHANEDIOL
6 non-polymer 'DIMETHYL SULFOXIDE'
7 non-polymer GLYCEROL
8 water water
#
_entity_poly.entity_id   1
_entity_poly.type   'polypeptide(L)'
_entity_poly.pdbx_seq_one_letter_code
;DLKWHHHNITYWIQNYSEDLPRAVIDDAFARAFALWSAVTPLTFTRVYSRDADIVIQFGVAEHGDGYPFDGKDGLLAHAF
PPGPGIQGDAHFDDDELWSLGKGVGYSLFLVAAHEFGHALGLDHSSVPEALMYPMYRFTEGPPLHKDDVNGIRHLYG
;
_entity_poly.pdbx_strand_id   A
#
# COMPACT_ATOMS: atom_id res chain seq x y z
N ASP A 1 10.85 12.56 -1.24
CA ASP A 1 11.27 12.87 0.12
C ASP A 1 11.43 11.62 0.96
N LEU A 2 12.09 11.78 2.11
CA LEU A 2 12.31 10.69 3.06
C LEU A 2 11.05 10.43 3.90
N LYS A 3 10.20 11.44 4.01
CA LYS A 3 8.98 11.33 4.82
C LYS A 3 7.99 12.43 4.47
N TRP A 4 6.72 12.20 4.84
CA TRP A 4 5.67 13.21 4.72
C TRP A 4 5.88 14.35 5.70
N HIS A 5 5.69 15.57 5.21
CA HIS A 5 5.94 16.77 6.00
C HIS A 5 4.69 17.29 6.71
N HIS A 6 3.58 16.55 6.59
CA HIS A 6 2.38 16.81 7.37
C HIS A 6 1.87 15.48 7.92
N HIS A 7 1.07 15.53 8.98
N HIS A 7 1.06 15.53 8.97
CA HIS A 7 0.64 14.31 9.67
CA HIS A 7 0.64 14.30 9.65
C HIS A 7 -0.72 13.81 9.21
C HIS A 7 -0.73 13.80 9.20
N ASN A 8 -1.54 14.71 8.68
CA ASN A 8 -2.88 14.36 8.20
C ASN A 8 -2.85 13.95 6.73
N ILE A 9 -2.69 12.64 6.49
CA ILE A 9 -2.53 12.12 5.14
C ILE A 9 -3.89 11.84 4.52
N THR A 10 -4.06 12.21 3.25
CA THR A 10 -5.30 11.93 2.53
C THR A 10 -5.08 10.89 1.44
N TYR A 11 -6.13 10.12 1.12
CA TYR A 11 -6.03 9.18 0.01
C TYR A 11 -7.29 9.10 -0.84
N TRP A 12 -7.08 8.80 -2.12
CA TRP A 12 -8.16 8.75 -3.11
C TRP A 12 -8.11 7.43 -3.84
N ILE A 13 -9.19 6.66 -3.77
CA ILE A 13 -9.31 5.46 -4.57
C ILE A 13 -9.82 5.87 -5.96
N GLN A 14 -8.89 6.00 -6.91
CA GLN A 14 -9.23 6.57 -8.20
C GLN A 14 -10.10 5.61 -9.03
N ASN A 15 -9.77 4.32 -8.99
N ASN A 15 -9.77 4.33 -9.00
CA ASN A 15 -10.59 3.31 -9.67
CA ASN A 15 -10.58 3.31 -9.67
C ASN A 15 -10.58 1.97 -8.92
C ASN A 15 -10.55 1.96 -8.94
N TYR A 16 -11.35 1.01 -9.43
CA TYR A 16 -11.49 -0.28 -8.75
C TYR A 16 -11.21 -1.48 -9.66
N SER A 17 -10.68 -2.54 -9.05
CA SER A 17 -10.65 -3.87 -9.67
C SER A 17 -12.03 -4.45 -9.51
N GLU A 18 -12.47 -5.24 -10.48
N GLU A 18 -12.44 -5.27 -10.48
CA GLU A 18 -13.74 -5.97 -10.38
CA GLU A 18 -13.72 -5.98 -10.40
C GLU A 18 -13.60 -7.27 -9.59
C GLU A 18 -13.60 -7.28 -9.60
N ASP A 19 -12.38 -7.61 -9.19
CA ASP A 19 -12.12 -8.86 -8.47
C ASP A 19 -12.86 -8.97 -7.13
N LEU A 20 -13.12 -7.83 -6.51
CA LEU A 20 -13.80 -7.77 -5.20
C LEU A 20 -14.84 -6.66 -5.24
N PRO A 21 -15.88 -6.77 -4.41
CA PRO A 21 -16.87 -5.68 -4.31
C PRO A 21 -16.20 -4.41 -3.82
N ARG A 22 -16.69 -3.27 -4.28
CA ARG A 22 -16.09 -1.99 -3.90
C ARG A 22 -16.01 -1.83 -2.38
N ALA A 23 -17.05 -2.23 -1.66
CA ALA A 23 -17.04 -2.05 -0.20
C ALA A 23 -15.96 -2.89 0.46
N VAL A 24 -15.66 -4.04 -0.13
CA VAL A 24 -14.62 -4.92 0.40
C VAL A 24 -13.26 -4.31 0.09
N ILE A 25 -13.14 -3.73 -1.09
CA ILE A 25 -11.89 -3.06 -1.47
C ILE A 25 -11.65 -1.87 -0.55
N ASP A 26 -12.69 -1.06 -0.35
CA ASP A 26 -12.60 0.10 0.55
C ASP A 26 -12.11 -0.31 1.94
N ASP A 27 -12.66 -1.40 2.42
CA ASP A 27 -12.33 -1.92 3.75
C ASP A 27 -10.92 -2.48 3.84
N ALA A 28 -10.46 -3.15 2.78
CA ALA A 28 -9.10 -3.67 2.74
C ALA A 28 -8.12 -2.51 2.88
N PHE A 29 -8.33 -1.44 2.10
CA PHE A 29 -7.46 -0.28 2.18
C PHE A 29 -7.55 0.40 3.55
N ALA A 30 -8.77 0.49 4.07
CA ALA A 30 -8.96 1.11 5.38
C ALA A 30 -8.18 0.36 6.46
N ARG A 31 -8.24 -0.97 6.40
CA ARG A 31 -7.55 -1.82 7.36
C ARG A 31 -6.04 -1.70 7.24
N ALA A 32 -5.56 -1.60 6.00
CA ALA A 32 -4.14 -1.47 5.76
C ALA A 32 -3.64 -0.13 6.31
N PHE A 33 -4.42 0.93 6.13
CA PHE A 33 -4.04 2.23 6.71
C PHE A 33 -4.10 2.19 8.24
N ALA A 34 -5.08 1.48 8.79
CA ALA A 34 -5.24 1.40 10.24
C ALA A 34 -4.02 0.77 10.93
N LEU A 35 -3.37 -0.14 10.21
CA LEU A 35 -2.17 -0.80 10.68
C LEU A 35 -1.06 0.21 10.96
N TRP A 36 -0.88 1.14 10.02
CA TRP A 36 0.18 2.14 10.15
C TRP A 36 -0.22 3.29 11.06
N SER A 37 -1.50 3.62 11.08
CA SER A 37 -1.90 4.75 11.92
C SER A 37 -1.77 4.42 13.41
N ALA A 38 -1.95 3.14 13.77
CA ALA A 38 -1.82 2.75 15.17
C ALA A 38 -0.43 3.03 15.75
N VAL A 39 0.59 2.97 14.90
CA VAL A 39 1.98 3.05 15.36
C VAL A 39 2.71 4.31 14.90
N THR A 40 1.97 5.31 14.42
CA THR A 40 2.55 6.57 13.95
C THR A 40 1.76 7.78 14.44
N PRO A 41 2.33 9.00 14.30
CA PRO A 41 1.49 10.18 14.55
C PRO A 41 0.66 10.57 13.33
N LEU A 42 0.48 9.65 12.40
CA LEU A 42 -0.22 9.96 11.16
C LEU A 42 -1.70 9.54 11.23
N THR A 43 -2.54 10.28 10.50
CA THR A 43 -3.91 9.85 10.27
C THR A 43 -4.15 9.70 8.78
N PHE A 44 -5.11 8.87 8.41
CA PHE A 44 -5.42 8.63 7.01
C PHE A 44 -6.90 8.88 6.72
N THR A 45 -7.18 9.87 5.88
CA THR A 45 -8.54 10.30 5.59
C THR A 45 -8.87 10.11 4.11
N ARG A 46 -9.95 9.39 3.83
CA ARG A 46 -10.34 9.12 2.45
C ARG A 46 -11.00 10.35 1.83
N VAL A 47 -10.61 10.67 0.60
CA VAL A 47 -11.19 11.82 -0.09
C VAL A 47 -11.56 11.42 -1.51
N TYR A 48 -12.33 12.30 -2.16
CA TYR A 48 -12.75 12.09 -3.54
C TYR A 48 -12.22 13.25 -4.34
N SER A 49 -10.90 13.32 -4.43
CA SER A 49 -10.21 14.45 -5.00
C SER A 49 -8.86 14.01 -5.58
N ARG A 50 -8.48 14.61 -6.70
CA ARG A 50 -7.20 14.29 -7.33
C ARG A 50 -6.05 14.90 -6.52
N ASP A 51 -6.39 15.75 -5.55
CA ASP A 51 -5.41 16.44 -4.71
C ASP A 51 -4.90 15.59 -3.54
N ALA A 52 -5.34 14.34 -3.47
CA ALA A 52 -5.00 13.47 -2.35
C ALA A 52 -3.50 13.20 -2.30
N ASP A 53 -2.96 12.99 -1.10
CA ASP A 53 -1.55 12.66 -0.96
C ASP A 53 -1.29 11.33 -1.64
N ILE A 54 -2.03 10.31 -1.21
CA ILE A 54 -1.85 8.97 -1.76
C ILE A 54 -2.97 8.63 -2.74
N VAL A 55 -2.66 8.67 -4.04
CA VAL A 55 -3.62 8.27 -5.06
C VAL A 55 -3.47 6.78 -5.31
N ILE A 56 -4.58 6.05 -5.23
CA ILE A 56 -4.61 4.60 -5.42
C ILE A 56 -5.21 4.21 -6.77
N GLN A 57 -4.50 3.38 -7.52
CA GLN A 57 -4.97 2.93 -8.84
C GLN A 57 -4.79 1.44 -9.03
N PHE A 58 -5.75 0.81 -9.71
CA PHE A 58 -5.56 -0.51 -10.30
C PHE A 58 -5.28 -0.32 -11.79
N GLY A 59 -4.26 -0.98 -12.31
CA GLY A 59 -3.96 -0.89 -13.73
C GLY A 59 -3.17 -2.09 -14.23
N VAL A 60 -3.04 -2.23 -15.54
CA VAL A 60 -2.23 -3.31 -16.10
C VAL A 60 -1.14 -2.77 -17.03
N ALA A 61 -0.07 -3.55 -17.19
CA ALA A 61 1.00 -3.23 -18.14
C ALA A 61 1.50 -1.81 -17.97
N GLU A 62 1.77 -1.10 -19.07
CA GLU A 62 2.12 0.32 -18.96
C GLU A 62 0.85 1.12 -18.66
N HIS A 63 0.81 1.74 -17.49
CA HIS A 63 -0.40 2.39 -17.00
C HIS A 63 -0.19 3.86 -16.70
N GLY A 64 0.82 4.45 -17.33
CA GLY A 64 0.93 5.90 -17.35
C GLY A 64 2.05 6.53 -16.55
N ASP A 65 2.90 5.73 -15.90
CA ASP A 65 4.01 6.33 -15.14
C ASP A 65 5.39 5.81 -15.55
N GLY A 66 5.45 4.99 -16.59
CA GLY A 66 6.74 4.55 -17.10
C GLY A 66 7.33 3.36 -16.36
N TYR A 67 6.63 2.88 -15.33
CA TYR A 67 7.02 1.65 -14.64
C TYR A 67 5.94 0.60 -14.85
N PRO A 68 5.99 -0.09 -16.00
CA PRO A 68 4.92 -1.02 -16.38
C PRO A 68 4.88 -2.27 -15.51
N PHE A 69 3.66 -2.75 -15.28
CA PHE A 69 3.46 -4.06 -14.69
C PHE A 69 3.67 -5.14 -15.75
N ASP A 70 3.51 -6.41 -15.35
CA ASP A 70 4.07 -7.52 -16.13
C ASP A 70 3.15 -8.71 -16.32
N GLY A 71 1.85 -8.50 -16.18
CA GLY A 71 0.90 -9.60 -16.29
C GLY A 71 0.86 -10.41 -15.01
N LYS A 72 0.32 -11.63 -15.07
CA LYS A 72 0.05 -12.39 -13.85
C LYS A 72 1.32 -12.73 -13.09
N ASP A 73 1.25 -12.59 -11.76
CA ASP A 73 2.37 -12.81 -10.84
C ASP A 73 3.55 -11.88 -11.17
N GLY A 74 4.76 -12.25 -10.73
CA GLY A 74 5.87 -11.31 -10.82
C GLY A 74 5.57 -10.10 -9.94
N LEU A 75 5.70 -8.90 -10.51
CA LEU A 75 5.38 -7.67 -9.80
C LEU A 75 3.92 -7.64 -9.42
N LEU A 76 3.61 -7.30 -8.16
CA LEU A 76 2.23 -7.24 -7.69
C LEU A 76 1.70 -5.82 -7.66
N ALA A 77 2.57 -4.87 -7.35
CA ALA A 77 2.15 -3.51 -7.05
C ALA A 77 3.39 -2.68 -6.85
N HIS A 78 3.23 -1.35 -6.81
CA HIS A 78 4.34 -0.49 -6.43
C HIS A 78 3.83 0.84 -5.88
N ALA A 79 4.69 1.56 -5.16
CA ALA A 79 4.31 2.83 -4.56
C ALA A 79 5.50 3.76 -4.51
N PHE A 80 5.24 5.05 -4.68
CA PHE A 80 6.30 6.05 -4.71
C PHE A 80 6.53 6.64 -3.32
N PRO A 81 7.79 7.00 -3.02
CA PRO A 81 8.15 7.66 -1.77
C PRO A 81 7.36 8.95 -1.59
N PRO A 82 7.28 9.47 -0.35
CA PRO A 82 6.52 10.70 -0.09
C PRO A 82 6.96 11.90 -0.94
N GLY A 83 6.02 12.80 -1.20
CA GLY A 83 6.30 14.00 -1.97
C GLY A 83 5.06 14.42 -2.73
N PRO A 84 5.20 15.41 -3.62
CA PRO A 84 4.05 15.91 -4.39
C PRO A 84 3.81 15.10 -5.67
N GLY A 85 2.62 15.26 -6.23
CA GLY A 85 2.28 14.61 -7.50
C GLY A 85 2.26 13.09 -7.41
N ILE A 86 2.97 12.45 -8.34
CA ILE A 86 3.02 10.99 -8.39
C ILE A 86 3.61 10.43 -7.09
N GLN A 87 4.44 11.21 -6.41
CA GLN A 87 5.04 10.75 -5.17
C GLN A 87 3.95 10.40 -4.14
N GLY A 88 4.17 9.33 -3.38
CA GLY A 88 3.16 8.87 -2.44
C GLY A 88 2.07 7.98 -3.01
N ASP A 89 1.95 7.92 -4.35
CA ASP A 89 0.85 7.15 -4.95
C ASP A 89 1.11 5.64 -4.94
N ALA A 90 0.04 4.86 -4.93
CA ALA A 90 0.13 3.41 -4.83
C ALA A 90 -0.69 2.73 -5.93
N HIS A 91 -0.04 1.87 -6.71
CA HIS A 91 -0.66 1.23 -7.87
C HIS A 91 -0.64 -0.29 -7.74
N PHE A 92 -1.76 -0.92 -8.10
CA PHE A 92 -1.89 -2.37 -7.97
C PHE A 92 -2.10 -3.01 -9.34
N ASP A 93 -1.35 -4.09 -9.60
CA ASP A 93 -1.41 -4.79 -10.88
C ASP A 93 -2.70 -5.60 -10.98
N ASP A 94 -3.61 -5.17 -11.85
CA ASP A 94 -4.91 -5.83 -11.92
C ASP A 94 -4.85 -7.10 -12.76
N ASP A 95 -3.67 -7.44 -13.27
CA ASP A 95 -3.53 -8.77 -13.87
C ASP A 95 -3.38 -9.84 -12.77
N GLU A 96 -3.24 -9.40 -11.52
CA GLU A 96 -3.32 -10.34 -10.40
C GLU A 96 -4.78 -10.55 -10.04
N LEU A 97 -5.08 -11.67 -9.40
CA LEU A 97 -6.38 -11.85 -8.77
C LEU A 97 -6.33 -11.36 -7.33
N TRP A 98 -7.04 -10.28 -7.05
CA TRP A 98 -7.04 -9.68 -5.74
C TRP A 98 -8.10 -10.37 -4.92
N SER A 99 -7.71 -10.79 -3.72
CA SER A 99 -8.62 -11.51 -2.84
C SER A 99 -8.37 -11.17 -1.37
N LEU A 100 -8.85 -12.03 -0.52
CA LEU A 100 -8.61 -11.92 0.90
C LEU A 100 -7.39 -12.79 1.26
N GLY A 101 -6.78 -13.37 0.25
CA GLY A 101 -5.57 -14.14 0.34
C GLY A 101 -5.66 -15.52 0.92
N LYS A 102 -6.75 -15.83 1.58
CA LYS A 102 -6.89 -17.17 2.14
C LYS A 102 -7.01 -18.23 1.04
N GLY A 103 -7.71 -17.89 0.00
CA GLY A 103 -7.85 -18.77 -1.13
C GLY A 103 -6.90 -18.37 -2.25
N VAL A 104 -7.38 -18.49 -3.48
CA VAL A 104 -6.58 -18.17 -4.63
C VAL A 104 -6.32 -16.67 -4.73
N GLY A 105 -5.20 -16.28 -5.27
CA GLY A 105 -4.88 -14.87 -5.44
C GLY A 105 -3.98 -14.28 -4.36
N TYR A 106 -3.91 -12.96 -4.34
CA TYR A 106 -3.10 -12.23 -3.37
C TYR A 106 -4.00 -11.41 -2.46
N SER A 107 -3.68 -11.38 -1.17
CA SER A 107 -4.43 -10.55 -0.22
C SER A 107 -4.25 -9.07 -0.52
N LEU A 108 -5.33 -8.37 -0.82
CA LEU A 108 -5.26 -6.95 -1.13
C LEU A 108 -4.85 -6.19 0.13
N PHE A 109 -5.33 -6.66 1.29
CA PHE A 109 -4.97 -6.06 2.58
C PHE A 109 -3.45 -6.08 2.82
N LEU A 110 -2.85 -7.27 2.68
CA LEU A 110 -1.42 -7.41 2.94
C LEU A 110 -0.59 -6.66 1.92
N VAL A 111 -0.96 -6.76 0.64
CA VAL A 111 -0.12 -6.09 -0.36
C VAL A 111 -0.27 -4.57 -0.20
N ALA A 112 -1.49 -4.10 0.09
CA ALA A 112 -1.70 -2.66 0.31
C ALA A 112 -0.93 -2.19 1.54
N ALA A 113 -0.90 -3.00 2.59
CA ALA A 113 -0.20 -2.57 3.82
C ALA A 113 1.28 -2.37 3.50
N HIS A 114 1.82 -3.31 2.73
CA HIS A 114 3.22 -3.23 2.30
C HIS A 114 3.48 -1.98 1.47
N GLU A 115 2.63 -1.76 0.46
CA GLU A 115 2.80 -0.61 -0.42
C GLU A 115 2.65 0.71 0.31
N PHE A 116 1.71 0.80 1.25
CA PHE A 116 1.55 2.02 2.04
C PHE A 116 2.81 2.27 2.88
N GLY A 117 3.42 1.18 3.34
CA GLY A 117 4.76 1.27 3.93
C GLY A 117 5.71 2.04 3.02
N HIS A 118 5.81 1.65 1.76
CA HIS A 118 6.70 2.38 0.83
C HIS A 118 6.27 3.84 0.68
N ALA A 119 4.97 4.07 0.64
CA ALA A 119 4.38 5.39 0.42
C ALA A 119 4.59 6.33 1.61
N LEU A 120 4.93 5.77 2.78
CA LEU A 120 5.32 6.57 3.95
C LEU A 120 6.83 6.73 4.04
N GLY A 121 7.56 6.02 3.19
CA GLY A 121 9.00 6.22 3.11
C GLY A 121 9.85 5.04 3.56
N LEU A 122 9.21 3.91 3.89
CA LEU A 122 9.98 2.74 4.30
C LEU A 122 10.59 2.04 3.10
N ASP A 123 11.76 1.46 3.29
CA ASP A 123 12.33 0.56 2.28
C ASP A 123 12.17 -0.86 2.79
N HIS A 124 12.89 -1.80 2.20
CA HIS A 124 12.66 -3.20 2.51
C HIS A 124 13.39 -3.66 3.77
N SER A 125 12.82 -4.67 4.41
CA SER A 125 13.38 -5.28 5.60
C SER A 125 14.15 -6.54 5.24
N SER A 126 15.10 -6.93 6.09
CA SER A 126 15.78 -8.21 5.90
C SER A 126 15.20 -9.29 6.79
N VAL A 127 14.06 -9.00 7.41
CA VAL A 127 13.39 -9.98 8.28
C VAL A 127 12.20 -10.61 7.58
N PRO A 128 12.30 -11.90 7.22
CA PRO A 128 11.24 -12.65 6.53
C PRO A 128 9.84 -12.47 7.12
N GLU A 129 9.70 -12.35 8.43
CA GLU A 129 8.39 -12.16 9.04
C GLU A 129 7.90 -10.71 9.01
N ALA A 130 8.75 -9.78 8.60
CA ALA A 130 8.37 -8.38 8.56
C ALA A 130 7.46 -8.09 7.38
N LEU A 131 6.52 -7.16 7.57
CA LEU A 131 5.65 -6.72 6.50
C LEU A 131 6.45 -6.14 5.34
N MET A 132 7.54 -5.44 5.63
CA MET A 132 8.30 -4.76 4.58
C MET A 132 9.36 -5.65 3.92
N TYR A 133 9.29 -6.95 4.20
CA TYR A 133 10.09 -7.94 3.49
C TYR A 133 9.72 -7.96 2.00
N PRO A 134 10.70 -8.16 1.10
CA PRO A 134 10.43 -7.97 -0.34
C PRO A 134 9.81 -9.17 -1.07
N MET A 135 9.41 -10.19 -0.33
N MET A 135 9.42 -10.21 -0.35
CA MET A 135 8.71 -11.31 -0.93
CA MET A 135 8.71 -11.33 -0.96
C MET A 135 7.35 -11.47 -0.27
C MET A 135 7.36 -11.52 -0.28
N TYR A 136 6.31 -11.69 -1.06
CA TYR A 136 4.97 -11.90 -0.53
C TYR A 136 4.86 -13.26 0.11
N ARG A 137 4.36 -13.30 1.34
CA ARG A 137 4.03 -14.57 1.97
C ARG A 137 2.71 -14.39 2.69
N PHE A 138 1.69 -15.16 2.33
CA PHE A 138 0.41 -14.98 2.98
C PHE A 138 0.47 -15.49 4.41
N THR A 139 -0.09 -14.70 5.31
CA THR A 139 -0.19 -15.08 6.70
C THR A 139 -1.51 -14.58 7.28
N GLU A 140 -1.98 -15.26 8.31
CA GLU A 140 -3.15 -14.79 9.02
C GLU A 140 -2.75 -14.18 10.37
N GLY A 141 -1.46 -14.27 10.69
CA GLY A 141 -0.94 -13.67 11.91
C GLY A 141 -0.76 -12.17 11.80
N PRO A 142 -0.41 -11.50 12.92
CA PRO A 142 -0.20 -10.06 12.88
C PRO A 142 0.91 -9.71 11.90
N PRO A 143 0.62 -8.83 10.94
CA PRO A 143 1.58 -8.51 9.89
C PRO A 143 2.79 -7.71 10.37
N LEU A 144 2.64 -6.84 11.37
CA LEU A 144 3.75 -5.98 11.77
C LEU A 144 4.77 -6.74 12.63
N HIS A 145 6.04 -6.48 12.34
CA HIS A 145 7.16 -7.01 13.08
C HIS A 145 7.90 -5.83 13.73
N LYS A 146 8.64 -6.09 14.80
CA LYS A 146 9.47 -5.08 15.46
C LYS A 146 10.24 -4.20 14.48
N ASP A 147 10.76 -4.82 13.43
CA ASP A 147 11.54 -4.11 12.43
C ASP A 147 10.72 -3.09 11.68
N ASP A 148 9.48 -3.46 11.32
CA ASP A 148 8.58 -2.55 10.65
C ASP A 148 8.34 -1.31 11.51
N VAL A 149 8.05 -1.54 12.79
CA VAL A 149 7.71 -0.47 13.71
C VAL A 149 8.96 0.38 14.01
N ASN A 150 10.11 -0.26 14.18
CA ASN A 150 11.37 0.47 14.34
C ASN A 150 11.64 1.39 13.16
N GLY A 151 11.45 0.87 11.96
CA GLY A 151 11.67 1.64 10.76
C GLY A 151 10.73 2.83 10.65
N ILE A 152 9.46 2.64 11.01
CA ILE A 152 8.50 3.72 10.86
C ILE A 152 8.67 4.77 11.99
N ARG A 153 9.10 4.35 13.18
CA ARG A 153 9.38 5.31 14.25
C ARG A 153 10.66 6.08 13.93
N HIS A 154 11.54 5.43 13.18
CA HIS A 154 12.82 6.04 12.79
C HIS A 154 12.55 7.26 11.91
N LEU A 155 11.47 7.19 11.13
CA LEU A 155 11.03 8.31 10.30
C LEU A 155 10.09 9.27 11.03
N TYR A 156 9.14 8.74 11.78
CA TYR A 156 8.06 9.57 12.35
C TYR A 156 8.00 9.70 13.87
N GLY A 157 8.86 8.98 14.59
N GLY A 157 8.85 8.98 14.59
CA GLY A 157 8.92 9.12 16.03
CA GLY A 157 8.89 9.06 16.03
C GLY A 157 7.94 8.21 16.77
C GLY A 157 8.10 7.95 16.71
#